data_4WUK
#
_entry.id   4WUK
#
_cell.length_a   57.095
_cell.length_b   67.024
_cell.length_c   130.551
_cell.angle_alpha   90.00
_cell.angle_beta   90.00
_cell.angle_gamma   90.00
#
_symmetry.space_group_name_H-M   'P 21 21 21'
#
loop_
_entity.id
_entity.type
_entity.pdbx_description
1 polymer 'CH65 heavy chain'
2 polymer 'CH65 light chain'
3 non-polymer '2-[N-CYCLOHEXYLAMINO]ETHANE SULFONIC ACID'
4 water water
#
loop_
_entity_poly.entity_id
_entity_poly.type
_entity_poly.pdbx_seq_one_letter_code
_entity_poly.pdbx_strand_id
1 'polypeptide(L)'
;EVQLVQSGAEVKKPGASVKVSCKASGYTFTDYHINWVRQAPGQGLEWMGWIHPNSGDTNYAQKFQGWVTMTRDTAISTAY
MEVNGLKSDDTAVYYCARGGLEPRSVDYYYYGMDVWGQGTTVTVSSASTKGPSVFPLAPSSKSTSGGTAALGCLVKDYFP
EPVTVSWNSGALTSGVHTFPAVLQSSGLYSLSSVVTVPSSSLGTQTYICNVNHKPSNTKVDKRVEPKSCHHHHHH
;
H
2 'polypeptide(L)'
;QSVLTQPPSVSVAPGQTARITCGGNDIGRKSVHWNQQKPGQAPVLVVCYDSDRPSGIPERFSGSNSGNTATLTISRVEAG
DEADYYCQVWDSSSDHVIFGGGTKLTVLGQPKAAPSVTLFPPSSEELQANKATLVCLISDFYPGAVTVAWKADSSPVKAG
VETTTPSKQSNNKYAASSYLSLTPEQWKSHRSYSCQVTHEGSTVEKTVAPTECS
;
L
#
# COMPACT_ATOMS: atom_id res chain seq x y z
N GLU A 1 18.11 -25.06 5.09
CA GLU A 1 17.35 -24.25 6.03
C GLU A 1 15.87 -24.25 5.65
N VAL A 2 15.02 -23.79 6.56
CA VAL A 2 13.59 -23.83 6.37
C VAL A 2 13.19 -22.79 5.32
N GLN A 3 12.55 -23.25 4.25
CA GLN A 3 12.05 -22.34 3.21
C GLN A 3 10.63 -22.69 2.82
N LEU A 4 9.84 -21.67 2.51
CA LEU A 4 8.53 -21.88 1.93
C LEU A 4 8.52 -21.21 0.55
N VAL A 5 8.39 -22.02 -0.51
CA VAL A 5 8.49 -21.54 -1.89
C VAL A 5 7.08 -21.40 -2.50
N GLN A 6 6.69 -20.16 -2.79
CA GLN A 6 5.33 -19.85 -3.25
C GLN A 6 5.22 -19.65 -4.77
N SER A 7 4.04 -19.91 -5.32
CA SER A 7 3.83 -19.80 -6.75
C SER A 7 3.80 -18.33 -7.20
N GLY A 8 3.79 -18.13 -8.51
CA GLY A 8 3.99 -16.80 -9.07
C GLY A 8 2.75 -15.97 -9.28
N ALA A 9 2.96 -14.76 -9.77
CA ALA A 9 1.91 -13.75 -9.89
C ALA A 9 0.77 -14.25 -10.77
N GLU A 10 -0.45 -13.89 -10.37
CA GLU A 10 -1.63 -14.22 -11.15
C GLU A 10 -2.44 -12.97 -11.37
N VAL A 11 -3.05 -12.91 -12.54
CA VAL A 11 -4.00 -11.84 -12.84
C VAL A 11 -5.32 -12.53 -13.17
N LYS A 12 -6.37 -12.22 -12.42
CA LYS A 12 -7.62 -12.97 -12.49
C LYS A 12 -8.82 -12.05 -12.68
N LYS A 13 -9.79 -12.48 -13.50
CA LYS A 13 -11.02 -11.73 -13.73
C LYS A 13 -11.93 -11.76 -12.51
N PRO A 14 -12.69 -10.67 -12.30
CA PRO A 14 -13.70 -10.67 -11.23
C PRO A 14 -14.62 -11.88 -11.33
N GLY A 15 -14.86 -12.56 -10.21
CA GLY A 15 -15.74 -13.73 -10.20
C GLY A 15 -15.02 -15.07 -10.33
N ALA A 16 -13.79 -15.03 -10.84
CA ALA A 16 -12.98 -16.24 -10.98
C ALA A 16 -12.41 -16.75 -9.66
N SER A 17 -11.79 -17.93 -9.72
CA SER A 17 -11.05 -18.47 -8.58
C SER A 17 -9.56 -18.47 -8.87
N VAL A 18 -8.75 -18.47 -7.82
CA VAL A 18 -7.30 -18.61 -8.00
C VAL A 18 -6.82 -19.59 -6.94
N LYS A 19 -5.89 -20.47 -7.31
CA LYS A 19 -5.36 -21.41 -6.34
C LYS A 19 -3.84 -21.26 -6.28
N VAL A 20 -3.35 -20.80 -5.16
CA VAL A 20 -1.92 -20.53 -5.02
C VAL A 20 -1.25 -21.61 -4.15
N SER A 21 0.04 -21.85 -4.35
CA SER A 21 0.69 -22.98 -3.69
C SER A 21 1.89 -22.54 -2.86
N CYS A 22 2.22 -23.39 -1.89
CA CYS A 22 3.27 -23.12 -0.91
C CYS A 22 3.99 -24.44 -0.65
N LYS A 23 5.22 -24.58 -1.16
CA LYS A 23 5.98 -25.82 -1.03
C LYS A 23 7.07 -25.67 0.03
N ALA A 24 7.03 -26.59 1.01
CA ALA A 24 7.94 -26.57 2.14
C ALA A 24 9.24 -27.38 1.88
N SER A 25 10.37 -26.79 2.22
CA SER A 25 11.61 -27.56 2.24
C SER A 25 12.47 -27.22 3.44
N GLY A 26 13.40 -28.12 3.74
CA GLY A 26 14.32 -27.94 4.85
C GLY A 26 13.78 -28.44 6.19
N TYR A 27 12.59 -29.02 6.19
CA TYR A 27 12.01 -29.60 7.40
C TYR A 27 10.92 -30.59 6.97
N THR A 28 10.31 -31.25 7.93
CA THR A 28 9.29 -32.25 7.65
C THR A 28 7.92 -31.60 7.63
N PHE A 29 7.31 -31.59 6.45
CA PHE A 29 6.08 -30.85 6.20
C PHE A 29 4.98 -31.13 7.24
N THR A 30 4.82 -32.38 7.63
CA THR A 30 3.75 -32.73 8.57
C THR A 30 4.05 -32.34 10.03
N ASP A 31 5.21 -31.75 10.29
CA ASP A 31 5.55 -31.37 11.66
C ASP A 31 4.92 -30.06 12.16
N TYR A 32 4.48 -29.20 11.24
CA TYR A 32 4.02 -27.85 11.61
C TYR A 32 2.83 -27.37 10.79
N HIS A 33 1.95 -26.57 11.41
CA HIS A 33 0.94 -25.80 10.71
C HIS A 33 1.50 -24.95 9.57
N ILE A 34 0.67 -24.74 8.55
CA ILE A 34 0.87 -23.69 7.56
C ILE A 34 -0.24 -22.67 7.76
N ASN A 35 0.14 -21.41 7.97
CA ASN A 35 -0.80 -20.29 8.08
C ASN A 35 -0.84 -19.52 6.79
N TRP A 36 -1.98 -18.92 6.50
CA TRP A 36 -2.09 -18.00 5.37
C TRP A 36 -2.47 -16.61 5.85
N VAL A 37 -1.79 -15.61 5.28
CA VAL A 37 -1.94 -14.22 5.70
C VAL A 37 -1.91 -13.40 4.41
N ARG A 38 -2.86 -12.49 4.22
CA ARG A 38 -2.74 -11.67 3.01
C ARG A 38 -2.55 -10.20 3.35
N GLN A 39 -2.02 -9.48 2.37
CA GLN A 39 -1.74 -8.07 2.53
C GLN A 39 -2.08 -7.29 1.25
N ALA A 40 -3.14 -6.50 1.32
CA ALA A 40 -3.53 -5.60 0.25
C ALA A 40 -2.51 -4.47 0.17
N PRO A 41 -2.31 -3.88 -1.02
CA PRO A 41 -1.26 -2.88 -1.22
C PRO A 41 -1.31 -1.71 -0.24
N GLY A 42 -0.23 -1.48 0.48
CA GLY A 42 -0.16 -0.34 1.39
C GLY A 42 -0.91 -0.55 2.69
N GLN A 43 -1.41 -1.76 2.91
CA GLN A 43 -2.23 -2.05 4.08
C GLN A 43 -1.60 -3.11 4.98
N GLY A 44 -2.35 -3.53 5.98
CA GLY A 44 -1.83 -4.39 7.02
C GLY A 44 -1.97 -5.88 6.75
N LEU A 45 -1.22 -6.67 7.50
CA LEU A 45 -1.32 -8.12 7.46
C LEU A 45 -2.68 -8.58 7.99
N GLU A 46 -3.31 -9.51 7.29
CA GLU A 46 -4.62 -10.03 7.64
C GLU A 46 -4.62 -11.56 7.65
N TRP A 47 -4.81 -12.17 8.80
CA TRP A 47 -4.77 -13.63 8.89
C TRP A 47 -6.02 -14.25 8.31
N MET A 48 -5.83 -15.27 7.47
CA MET A 48 -6.89 -15.97 6.74
C MET A 48 -7.26 -17.29 7.38
N GLY A 49 -6.27 -17.95 7.98
CA GLY A 49 -6.50 -19.26 8.57
C GLY A 49 -5.23 -20.11 8.61
N TRP A 50 -5.38 -21.35 9.10
CA TRP A 50 -4.27 -22.32 9.04
C TRP A 50 -4.75 -23.70 8.66
N ILE A 51 -3.78 -24.55 8.32
CA ILE A 51 -4.05 -25.95 8.07
C ILE A 51 -2.94 -26.72 8.76
N HIS A 52 -3.25 -27.85 9.38
CA HIS A 52 -2.18 -28.73 9.83
C HIS A 52 -1.98 -29.83 8.80
N PRO A 53 -0.79 -29.89 8.21
CA PRO A 53 -0.59 -30.89 7.13
C PRO A 53 -0.65 -32.35 7.60
N ASN A 54 -0.46 -32.61 8.89
CA ASN A 54 -0.54 -34.01 9.31
C ASN A 54 -1.98 -34.48 9.26
N SER A 55 -2.83 -33.93 10.15
CA SER A 55 -4.26 -34.28 10.17
C SER A 55 -5.03 -33.78 8.94
N GLY A 56 -4.58 -32.67 8.37
CA GLY A 56 -5.36 -31.97 7.34
C GLY A 56 -6.35 -31.01 7.94
N ASP A 57 -6.44 -30.94 9.27
CA ASP A 57 -7.44 -30.08 9.92
C ASP A 57 -7.24 -28.58 9.65
N THR A 58 -8.34 -27.87 9.38
CA THR A 58 -8.28 -26.45 9.05
C THR A 58 -8.92 -25.57 10.11
N ASN A 59 -8.48 -24.31 10.13
CA ASN A 59 -9.08 -23.28 10.98
C ASN A 59 -9.20 -22.04 10.10
N TYR A 60 -10.43 -21.72 9.66
CA TYR A 60 -10.65 -20.55 8.82
C TYR A 60 -11.03 -19.33 9.65
N ALA A 61 -10.42 -18.18 9.35
CA ALA A 61 -10.89 -16.92 9.93
C ALA A 61 -12.31 -16.65 9.48
N GLN A 62 -13.11 -16.04 10.34
CA GLN A 62 -14.51 -15.76 10.08
C GLN A 62 -14.70 -15.02 8.74
N LYS A 63 -13.80 -14.09 8.46
CA LYS A 63 -13.96 -13.24 7.29
C LYS A 63 -13.77 -14.02 5.98
N PHE A 64 -13.11 -15.18 6.05
CA PHE A 64 -12.70 -15.91 4.82
C PHE A 64 -13.36 -17.28 4.74
N GLN A 65 -13.90 -17.74 5.85
CA GLN A 65 -14.54 -19.05 5.88
C GLN A 65 -15.58 -19.15 4.76
N GLY A 66 -15.53 -20.26 4.04
CA GLY A 66 -16.60 -20.51 3.07
C GLY A 66 -16.50 -19.81 1.72
N TRP A 67 -15.57 -18.88 1.52
CA TRP A 67 -15.24 -18.56 0.13
C TRP A 67 -13.78 -18.78 -0.19
N VAL A 68 -13.02 -19.27 0.78
CA VAL A 68 -11.67 -19.78 0.47
C VAL A 68 -11.59 -21.22 0.97
N THR A 69 -10.62 -21.94 0.43
CA THR A 69 -10.43 -23.35 0.79
C THR A 69 -8.94 -23.64 0.97
N MET A 70 -8.57 -24.21 2.11
CA MET A 70 -7.18 -24.63 2.33
C MET A 70 -7.07 -26.14 2.20
N THR A 71 -6.05 -26.59 1.48
CA THR A 71 -5.81 -28.02 1.35
C THR A 71 -4.32 -28.27 1.40
N ARG A 72 -3.92 -29.53 1.41
CA ARG A 72 -2.50 -29.85 1.23
C ARG A 72 -2.32 -31.22 0.59
N ASP A 73 -1.15 -31.40 -0.05
CA ASP A 73 -0.78 -32.66 -0.66
C ASP A 73 0.54 -33.08 -0.02
N THR A 74 0.49 -34.03 0.90
CA THR A 74 1.70 -34.33 1.67
C THR A 74 2.70 -35.10 0.82
N ALA A 75 2.27 -35.66 -0.33
CA ALA A 75 3.20 -36.40 -1.17
C ALA A 75 4.25 -35.47 -1.78
N ILE A 76 3.91 -34.19 -1.94
CA ILE A 76 4.84 -33.23 -2.51
C ILE A 76 5.06 -32.04 -1.59
N SER A 77 4.76 -32.25 -0.32
CA SER A 77 5.00 -31.23 0.72
C SER A 77 4.48 -29.84 0.35
N THR A 78 3.25 -29.79 -0.17
CA THR A 78 2.68 -28.55 -0.68
C THR A 78 1.35 -28.24 -0.06
N ALA A 79 1.17 -26.99 0.39
CA ALA A 79 -0.11 -26.47 0.87
C ALA A 79 -0.72 -25.55 -0.18
N TYR A 80 -2.05 -25.53 -0.29
CA TYR A 80 -2.74 -24.71 -1.29
C TYR A 80 -3.75 -23.79 -0.64
N MET A 81 -3.92 -22.60 -1.20
CA MET A 81 -5.01 -21.71 -0.80
C MET A 81 -5.80 -21.36 -2.04
N GLU A 82 -7.10 -21.67 -2.03
CA GLU A 82 -7.95 -21.35 -3.16
C GLU A 82 -8.91 -20.23 -2.75
N VAL A 83 -8.93 -19.15 -3.51
CA VAL A 83 -9.81 -18.04 -3.21
C VAL A 83 -10.86 -17.96 -4.28
N ASN A 84 -12.13 -18.00 -3.88
CA ASN A 84 -13.24 -17.98 -4.82
C ASN A 84 -13.99 -16.67 -4.92
N GLY A 85 -14.66 -16.49 -6.05
CA GLY A 85 -15.49 -15.31 -6.26
C GLY A 85 -14.72 -14.00 -6.11
N LEU A 86 -13.59 -13.92 -6.79
CA LEU A 86 -12.67 -12.80 -6.62
C LEU A 86 -13.31 -11.44 -6.86
N LYS A 87 -12.97 -10.49 -5.99
CA LYS A 87 -13.38 -9.11 -6.20
C LYS A 87 -12.19 -8.18 -5.98
N SER A 88 -12.37 -6.88 -6.18
CA SER A 88 -11.20 -6.00 -6.18
C SER A 88 -10.49 -5.97 -4.83
N ASP A 89 -11.25 -6.14 -3.75
CA ASP A 89 -10.68 -6.22 -2.40
C ASP A 89 -9.77 -7.43 -2.20
N ASP A 90 -9.82 -8.36 -3.15
CA ASP A 90 -8.96 -9.56 -3.06
C ASP A 90 -7.60 -9.36 -3.75
N THR A 91 -7.40 -8.21 -4.38
CA THR A 91 -6.07 -7.89 -4.91
C THR A 91 -5.11 -7.72 -3.74
N ALA A 92 -4.14 -8.62 -3.64
CA ALA A 92 -3.29 -8.67 -2.45
C ALA A 92 -2.12 -9.58 -2.69
N VAL A 93 -1.16 -9.50 -1.78
CA VAL A 93 -0.11 -10.50 -1.70
C VAL A 93 -0.57 -11.52 -0.69
N TYR A 94 -0.53 -12.79 -1.08
CA TYR A 94 -0.95 -13.90 -0.22
C TYR A 94 0.29 -14.62 0.28
N TYR A 95 0.50 -14.60 1.60
CA TYR A 95 1.68 -15.27 2.20
C TYR A 95 1.30 -16.58 2.84
N CYS A 96 2.20 -17.57 2.77
CA CYS A 96 2.10 -18.70 3.70
C CYS A 96 3.20 -18.54 4.75
N ALA A 97 2.97 -19.07 5.94
CA ALA A 97 3.93 -18.94 7.03
C ALA A 97 3.85 -20.17 7.94
N ARG A 98 5.00 -20.65 8.38
CA ARG A 98 5.08 -21.87 9.16
C ARG A 98 4.75 -21.59 10.64
N GLY A 99 3.97 -22.48 11.24
CA GLY A 99 3.65 -22.42 12.65
C GLY A 99 4.73 -23.07 13.49
N GLY A 100 5.95 -22.55 13.38
CA GLY A 100 7.09 -23.16 14.04
C GLY A 100 7.35 -22.72 15.47
N LEU A 101 6.64 -21.73 15.99
CA LEU A 101 6.84 -21.34 17.39
C LEU A 101 5.98 -22.20 18.32
N GLU A 102 6.57 -23.25 18.88
CA GLU A 102 5.80 -24.17 19.70
C GLU A 102 5.26 -23.47 20.94
N PRO A 103 4.08 -23.88 21.38
CA PRO A 103 3.53 -23.30 22.61
C PRO A 103 4.39 -23.65 23.82
N ARG A 104 4.57 -22.68 24.72
CA ARG A 104 5.32 -22.93 25.94
C ARG A 104 4.42 -23.30 27.12
N SER A 105 3.13 -23.04 26.97
CA SER A 105 2.17 -23.27 28.04
C SER A 105 0.85 -23.75 27.49
N VAL A 106 0.29 -24.75 28.15
CA VAL A 106 -1.02 -25.29 27.82
C VAL A 106 -2.15 -24.23 27.91
N ASP A 107 -1.92 -23.17 28.68
CA ASP A 107 -2.90 -22.08 28.79
C ASP A 107 -2.96 -21.19 27.56
N TYR A 108 -1.91 -21.22 26.76
CA TYR A 108 -1.90 -20.46 25.50
C TYR A 108 -1.39 -21.43 24.45
N TYR A 109 -2.24 -22.39 24.09
CA TYR A 109 -1.82 -23.53 23.27
C TYR A 109 -1.92 -23.17 21.80
N TYR A 110 -0.95 -22.38 21.36
CA TYR A 110 -0.93 -21.72 20.05
C TYR A 110 0.43 -21.89 19.40
N TYR A 111 0.46 -22.36 18.16
CA TYR A 111 1.71 -22.42 17.42
C TYR A 111 1.87 -21.16 16.57
N GLY A 112 2.79 -20.28 17.00
CA GLY A 112 3.03 -19.02 16.33
C GLY A 112 3.84 -19.18 15.05
N MET A 113 3.84 -18.13 14.25
CA MET A 113 4.48 -18.16 12.93
C MET A 113 5.94 -17.73 13.05
N ASP A 114 6.85 -18.52 12.49
CA ASP A 114 8.24 -18.12 12.49
C ASP A 114 8.72 -17.84 11.06
N VAL A 115 8.69 -18.81 10.17
CA VAL A 115 9.26 -18.59 8.85
C VAL A 115 8.19 -18.31 7.80
N TRP A 116 8.36 -17.20 7.05
CA TRP A 116 7.38 -16.79 6.06
C TRP A 116 7.84 -17.11 4.63
N GLY A 117 6.90 -17.49 3.77
CA GLY A 117 7.11 -17.51 2.33
C GLY A 117 7.25 -16.10 1.77
N GLN A 118 7.59 -15.96 0.50
CA GLN A 118 7.81 -14.63 -0.06
C GLN A 118 6.54 -13.95 -0.57
N GLY A 119 5.44 -14.70 -0.60
CA GLY A 119 4.15 -14.18 -1.02
C GLY A 119 3.88 -14.40 -2.49
N THR A 120 2.59 -14.57 -2.82
CA THR A 120 2.10 -14.64 -4.20
C THR A 120 1.22 -13.42 -4.46
N THR A 121 1.53 -12.66 -5.50
CA THR A 121 0.70 -11.49 -5.83
C THR A 121 -0.48 -11.89 -6.71
N VAL A 122 -1.69 -11.53 -6.30
CA VAL A 122 -2.89 -11.77 -7.09
C VAL A 122 -3.53 -10.42 -7.41
N THR A 123 -3.67 -10.14 -8.69
CA THR A 123 -4.33 -8.92 -9.14
C THR A 123 -5.66 -9.27 -9.76
N VAL A 124 -6.74 -8.67 -9.25
CA VAL A 124 -8.03 -8.89 -9.85
C VAL A 124 -8.28 -7.80 -10.90
N SER A 125 -8.46 -8.23 -12.14
CA SER A 125 -8.50 -7.29 -13.26
C SER A 125 -9.27 -7.88 -14.45
N SER A 126 -9.82 -7.01 -15.29
CA SER A 126 -10.34 -7.39 -16.59
C SER A 126 -9.27 -8.05 -17.47
N ALA A 127 -8.00 -7.77 -17.14
CA ALA A 127 -6.87 -8.67 -17.44
C ALA A 127 -6.32 -8.58 -18.88
N SER A 128 -7.06 -7.98 -19.80
CA SER A 128 -6.59 -7.91 -21.18
C SER A 128 -5.65 -6.72 -21.37
N THR A 129 -4.67 -6.86 -22.26
CA THR A 129 -3.84 -5.71 -22.68
C THR A 129 -4.74 -4.58 -23.14
N LYS A 130 -4.51 -3.38 -22.59
CA LYS A 130 -5.41 -2.25 -22.81
C LYS A 130 -4.61 -0.96 -22.89
N GLY A 131 -4.83 -0.21 -23.96
CA GLY A 131 -4.16 1.07 -24.12
C GLY A 131 -4.82 2.19 -23.34
N PRO A 132 -4.04 3.24 -23.07
CA PRO A 132 -4.56 4.34 -22.25
C PRO A 132 -5.39 5.35 -23.02
N SER A 133 -6.18 6.11 -22.27
CA SER A 133 -6.76 7.35 -22.77
C SER A 133 -5.98 8.49 -22.15
N VAL A 134 -5.69 9.52 -22.93
CA VAL A 134 -4.83 10.58 -22.42
C VAL A 134 -5.58 11.89 -22.43
N PHE A 135 -5.62 12.56 -21.28
CA PHE A 135 -6.34 13.83 -21.17
C PHE A 135 -5.40 14.94 -20.75
N PRO A 136 -5.65 16.16 -21.24
CA PRO A 136 -4.78 17.26 -20.86
C PRO A 136 -5.15 17.79 -19.48
N LEU A 137 -4.14 18.17 -18.71
CA LEU A 137 -4.36 18.88 -17.46
C LEU A 137 -3.92 20.33 -17.66
N ALA A 138 -4.88 21.21 -17.84
CA ALA A 138 -4.63 22.60 -18.24
C ALA A 138 -3.83 23.39 -17.19
N PRO A 139 -2.91 24.26 -17.65
CA PRO A 139 -2.01 25.00 -16.77
C PRO A 139 -2.68 25.76 -15.61
N SER A 140 -2.06 25.63 -14.43
CA SER A 140 -2.46 26.39 -13.25
C SER A 140 -1.25 26.90 -12.47
N SER A 141 -1.34 28.13 -11.98
CA SER A 141 -0.27 28.72 -11.18
C SER A 141 -0.58 28.70 -9.70
N LYS A 142 -1.68 28.07 -9.30
CA LYS A 142 -2.13 28.19 -7.92
C LYS A 142 -1.16 27.57 -6.91
N SER A 143 -0.50 26.49 -7.30
CA SER A 143 0.29 25.72 -6.35
CA SER A 143 0.29 25.68 -6.38
C SER A 143 1.79 25.68 -6.66
N THR A 144 2.21 26.48 -7.66
CA THR A 144 3.62 26.53 -8.03
C THR A 144 4.33 27.78 -7.53
N SER A 145 5.66 27.86 -7.68
CA SER A 145 6.41 29.05 -7.31
CA SER A 145 6.39 29.06 -7.28
C SER A 145 5.95 30.23 -8.16
N GLY A 146 6.24 31.44 -7.69
CA GLY A 146 5.88 32.65 -8.42
C GLY A 146 6.43 32.67 -9.84
N GLY A 147 5.59 33.07 -10.79
CA GLY A 147 5.99 33.21 -12.17
C GLY A 147 6.03 31.91 -12.96
N THR A 148 5.58 30.81 -12.35
CA THR A 148 5.55 29.54 -13.06
C THR A 148 4.16 28.92 -13.04
N ALA A 149 3.94 27.92 -13.89
CA ALA A 149 2.66 27.24 -13.98
C ALA A 149 2.87 25.74 -14.15
N ALA A 150 1.95 24.96 -13.62
CA ALA A 150 2.00 23.50 -13.81
C ALA A 150 0.95 23.07 -14.81
N LEU A 151 1.36 22.25 -15.77
CA LEU A 151 0.44 21.68 -16.74
C LEU A 151 0.79 20.21 -16.85
N GLY A 152 -0.15 19.39 -17.29
CA GLY A 152 0.14 17.99 -17.31
C GLY A 152 -0.67 17.16 -18.24
N CYS A 153 -0.49 15.85 -18.11
CA CYS A 153 -1.24 14.85 -18.87
C CYS A 153 -1.68 13.75 -17.90
N LEU A 154 -2.96 13.41 -17.96
CA LEU A 154 -3.54 12.30 -17.22
C LEU A 154 -3.55 11.08 -18.15
N VAL A 155 -2.90 9.99 -17.75
CA VAL A 155 -2.84 8.79 -18.59
C VAL A 155 -3.65 7.67 -17.92
N LYS A 156 -4.80 7.35 -18.49
CA LYS A 156 -5.90 6.65 -17.79
C LYS A 156 -6.17 5.25 -18.30
N ASP A 157 -6.36 4.30 -17.38
CA ASP A 157 -6.92 2.97 -17.66
C ASP A 157 -6.17 2.08 -18.66
N TYR A 158 -4.93 1.75 -18.35
CA TYR A 158 -4.14 0.94 -19.25
C TYR A 158 -3.70 -0.32 -18.49
N PHE A 159 -3.29 -1.33 -19.24
CA PHE A 159 -2.77 -2.56 -18.64
C PHE A 159 -1.93 -3.30 -19.68
N PRO A 160 -0.82 -3.92 -19.26
CA PRO A 160 -0.13 -3.85 -17.95
C PRO A 160 0.80 -2.65 -17.91
N GLU A 161 1.63 -2.55 -16.88
CA GLU A 161 2.65 -1.51 -16.78
CA GLU A 161 2.63 -1.49 -16.82
C GLU A 161 3.78 -1.80 -17.78
N PRO A 162 4.54 -0.76 -18.20
CA PRO A 162 4.41 0.68 -17.88
C PRO A 162 3.96 1.53 -19.04
N VAL A 163 3.73 2.80 -18.76
CA VAL A 163 3.60 3.83 -19.82
C VAL A 163 4.70 4.84 -19.62
N THR A 164 5.31 5.29 -20.72
CA THR A 164 6.33 6.32 -20.60
C THR A 164 5.80 7.65 -21.07
N VAL A 165 6.29 8.73 -20.46
CA VAL A 165 5.87 10.09 -20.83
C VAL A 165 7.10 10.99 -21.00
N SER A 166 7.17 11.68 -22.14
CA SER A 166 8.19 12.69 -22.34
C SER A 166 7.46 13.99 -22.67
N TRP A 167 8.18 15.09 -22.74
CA TRP A 167 7.57 16.37 -23.08
C TRP A 167 8.31 17.03 -24.24
N ASN A 168 7.57 17.50 -25.24
CA ASN A 168 8.17 18.14 -26.42
C ASN A 168 9.26 17.24 -27.01
N SER A 169 8.95 15.95 -27.06
CA SER A 169 9.82 14.94 -27.65
C SER A 169 11.18 14.88 -26.94
N GLY A 170 11.19 15.14 -25.64
CA GLY A 170 12.41 15.03 -24.86
C GLY A 170 13.18 16.33 -24.74
N ALA A 171 12.77 17.35 -25.49
CA ALA A 171 13.46 18.63 -25.45
C ALA A 171 13.17 19.37 -24.14
N LEU A 172 12.17 18.90 -23.42
CA LEU A 172 11.82 19.51 -22.15
C LEU A 172 11.95 18.47 -21.02
N THR A 173 12.95 18.65 -20.16
CA THR A 173 13.19 17.70 -19.06
C THR A 173 13.26 18.37 -17.71
N SER A 174 13.75 19.61 -17.69
CA SER A 174 13.69 20.44 -16.49
C SER A 174 12.27 20.63 -16.04
N GLY A 175 12.02 20.44 -14.75
CA GLY A 175 10.71 20.71 -14.20
C GLY A 175 9.65 19.64 -14.46
N VAL A 176 10.04 18.49 -15.02
CA VAL A 176 9.11 17.40 -15.26
C VAL A 176 8.98 16.50 -14.03
N HIS A 177 7.75 16.15 -13.67
CA HIS A 177 7.50 15.25 -12.55
C HIS A 177 6.45 14.24 -12.98
N THR A 178 6.89 13.02 -13.27
CA THR A 178 5.96 11.96 -13.64
C THR A 178 5.75 11.08 -12.39
N PHE A 179 4.50 10.93 -12.00
CA PHE A 179 4.15 10.24 -10.77
C PHE A 179 3.94 8.77 -11.12
N PRO A 180 4.53 7.86 -10.32
CA PRO A 180 4.25 6.44 -10.55
C PRO A 180 2.75 6.14 -10.53
N ALA A 181 2.36 5.15 -11.33
CA ALA A 181 0.96 4.79 -11.54
C ALA A 181 0.29 4.25 -10.31
N VAL A 182 -1.02 4.47 -10.24
CA VAL A 182 -1.82 3.78 -9.26
C VAL A 182 -2.49 2.59 -9.95
N LEU A 183 -2.51 1.45 -9.26
CA LEU A 183 -3.33 0.33 -9.67
C LEU A 183 -4.72 0.49 -9.07
N GLN A 184 -5.70 0.78 -9.93
CA GLN A 184 -7.06 1.02 -9.48
C GLN A 184 -7.82 -0.24 -9.11
N SER A 185 -8.93 -0.08 -8.39
CA SER A 185 -9.78 -1.23 -8.02
C SER A 185 -10.21 -2.03 -9.24
N SER A 186 -10.32 -1.36 -10.38
CA SER A 186 -10.66 -2.00 -11.67
C SER A 186 -9.59 -2.96 -12.18
N GLY A 187 -8.40 -2.86 -11.60
CA GLY A 187 -7.29 -3.64 -12.10
C GLY A 187 -6.63 -2.99 -13.31
N LEU A 188 -6.93 -1.71 -13.54
CA LEU A 188 -6.24 -0.91 -14.55
C LEU A 188 -5.40 0.17 -13.88
N TYR A 189 -4.36 0.61 -14.58
CA TYR A 189 -3.48 1.62 -14.06
C TYR A 189 -3.84 2.99 -14.56
N SER A 190 -3.51 4.00 -13.76
CA SER A 190 -3.51 5.39 -14.23
C SER A 190 -2.28 6.11 -13.68
N LEU A 191 -1.75 7.05 -14.45
CA LEU A 191 -0.67 7.88 -13.92
C LEU A 191 -0.82 9.30 -14.42
N SER A 192 -0.08 10.21 -13.81
CA SER A 192 -0.04 11.63 -14.26
C SER A 192 1.39 12.10 -14.43
N SER A 193 1.59 12.99 -15.38
CA SER A 193 2.89 13.62 -15.56
C SER A 193 2.66 15.12 -15.63
N VAL A 194 3.36 15.89 -14.82
CA VAL A 194 3.21 17.33 -14.86
C VAL A 194 4.56 18.00 -15.12
N VAL A 195 4.55 19.11 -15.85
CA VAL A 195 5.78 19.88 -16.01
C VAL A 195 5.52 21.32 -15.53
N THR A 196 6.52 21.91 -14.90
CA THR A 196 6.43 23.29 -14.46
CA THR A 196 6.43 23.29 -14.45
C THR A 196 7.23 24.18 -15.40
N VAL A 197 6.58 25.23 -15.89
CA VAL A 197 7.13 26.10 -16.94
C VAL A 197 6.92 27.55 -16.59
N PRO A 198 7.64 28.47 -17.24
CA PRO A 198 7.38 29.90 -17.01
C PRO A 198 5.96 30.26 -17.47
N SER A 199 5.24 31.03 -16.67
CA SER A 199 3.88 31.42 -17.02
C SER A 199 3.84 32.30 -18.27
N SER A 200 4.89 33.08 -18.47
CA SER A 200 4.99 33.94 -19.66
C SER A 200 5.14 33.12 -20.96
N SER A 201 5.53 31.87 -20.84
CA SER A 201 5.71 31.03 -22.02
C SER A 201 4.37 30.53 -22.57
N LEU A 202 3.31 30.60 -21.77
CA LEU A 202 2.07 29.89 -22.07
C LEU A 202 1.38 30.30 -23.37
N GLY A 203 1.27 31.60 -23.62
CA GLY A 203 0.60 32.06 -24.83
C GLY A 203 1.44 31.85 -26.07
N THR A 204 2.67 31.37 -25.87
CA THR A 204 3.70 31.37 -26.91
C THR A 204 4.26 29.98 -27.20
N GLN A 205 4.77 29.33 -26.16
CA GLN A 205 5.42 28.02 -26.30
C GLN A 205 4.41 26.88 -26.33
N THR A 206 4.58 25.95 -27.27
CA THR A 206 3.70 24.79 -27.38
C THR A 206 4.18 23.67 -26.49
N TYR A 207 3.27 23.07 -25.71
CA TYR A 207 3.61 21.93 -24.86
C TYR A 207 2.83 20.67 -25.25
N ILE A 208 3.57 19.60 -25.53
CA ILE A 208 3.01 18.32 -25.97
C ILE A 208 3.57 17.22 -25.08
N CYS A 209 2.70 16.36 -24.53
CA CYS A 209 3.21 15.22 -23.77
C CYS A 209 3.21 14.04 -24.73
N ASN A 210 4.30 13.28 -24.72
CA ASN A 210 4.44 12.17 -25.65
C ASN A 210 4.29 10.93 -24.81
N VAL A 211 3.20 10.22 -25.02
CA VAL A 211 2.83 9.05 -24.23
C VAL A 211 3.04 7.79 -25.05
N ASN A 212 3.67 6.78 -24.46
CA ASN A 212 3.91 5.51 -25.15
C ASN A 212 3.56 4.33 -24.26
N HIS A 213 2.58 3.52 -24.66
CA HIS A 213 2.26 2.27 -23.99
C HIS A 213 2.67 1.12 -24.92
N LYS A 214 3.89 0.62 -24.76
CA LYS A 214 4.37 -0.37 -25.70
C LYS A 214 3.51 -1.66 -25.76
N PRO A 215 3.00 -2.16 -24.60
CA PRO A 215 2.24 -3.42 -24.69
C PRO A 215 1.03 -3.37 -25.62
N SER A 216 0.42 -2.19 -25.78
CA SER A 216 -0.75 -2.06 -26.68
C SER A 216 -0.40 -1.37 -28.00
N ASN A 217 0.88 -1.10 -28.21
CA ASN A 217 1.37 -0.33 -29.37
C ASN A 217 0.58 0.95 -29.58
N THR A 218 0.45 1.70 -28.50
CA THR A 218 -0.27 2.97 -28.51
C THR A 218 0.68 4.11 -28.22
N LYS A 219 0.65 5.15 -29.05
CA LYS A 219 1.35 6.38 -28.74
C LYS A 219 0.41 7.54 -28.91
N VAL A 220 0.47 8.49 -27.96
CA VAL A 220 -0.33 9.70 -28.05
C VAL A 220 0.57 10.92 -27.90
N ASP A 221 0.40 11.91 -28.77
CA ASP A 221 1.05 13.21 -28.58
C ASP A 221 -0.07 14.22 -28.30
N LYS A 222 -0.24 14.57 -27.04
CA LYS A 222 -1.36 15.42 -26.62
C LYS A 222 -0.89 16.86 -26.38
N ARG A 223 -1.47 17.79 -27.13
CA ARG A 223 -1.16 19.20 -26.95
C ARG A 223 -1.87 19.68 -25.69
N VAL A 224 -1.15 20.36 -24.80
CA VAL A 224 -1.77 20.88 -23.58
C VAL A 224 -1.81 22.39 -23.60
N GLU A 225 -3.01 22.94 -23.67
CA GLU A 225 -3.20 24.38 -23.86
C GLU A 225 -3.93 25.04 -22.70
N PRO A 226 -3.70 26.35 -22.49
CA PRO A 226 -4.33 27.13 -21.43
C PRO A 226 -5.86 27.03 -21.38
N SER B 2 -11.66 -9.60 19.00
CA SER B 2 -10.53 -9.00 19.71
C SER B 2 -9.74 -8.10 18.76
N VAL B 3 -9.32 -6.93 19.27
CA VAL B 3 -8.67 -5.92 18.43
C VAL B 3 -7.34 -5.41 19.00
N LEU B 4 -6.31 -5.36 18.16
CA LEU B 4 -5.01 -4.85 18.57
C LEU B 4 -4.69 -3.51 17.90
N THR B 5 -4.40 -2.50 18.73
CA THR B 5 -4.16 -1.16 18.24
C THR B 5 -2.69 -0.73 18.23
N GLN B 6 -2.18 -0.39 17.05
CA GLN B 6 -0.84 0.21 16.91
C GLN B 6 -0.93 1.58 16.26
N PRO B 7 0.02 2.47 16.59
CA PRO B 7 0.15 3.76 15.89
C PRO B 7 0.61 3.52 14.45
N PRO B 8 -0.02 4.17 13.48
CA PRO B 8 0.35 3.98 12.07
C PRO B 8 1.81 4.36 11.77
N SER B 9 2.37 5.32 12.50
CA SER B 9 3.78 5.65 12.30
C SER B 9 4.48 6.17 13.55
N VAL B 10 5.78 5.88 13.60
CA VAL B 10 6.68 6.36 14.62
C VAL B 10 7.94 6.82 13.91
N SER B 11 8.41 8.02 14.25
CA SER B 11 9.65 8.58 13.73
CA SER B 11 9.67 8.53 13.72
C SER B 11 10.64 8.77 14.87
N VAL B 12 11.90 8.40 14.66
CA VAL B 12 12.92 8.50 15.69
C VAL B 12 14.23 8.90 15.04
N ALA B 13 15.05 9.70 15.73
CA ALA B 13 16.39 10.05 15.24
C ALA B 13 17.34 8.86 15.40
N PRO B 14 18.36 8.75 14.53
CA PRO B 14 19.33 7.67 14.71
C PRO B 14 19.97 7.73 16.09
N GLY B 15 20.07 6.58 16.76
CA GLY B 15 20.72 6.53 18.05
C GLY B 15 19.75 6.67 19.19
N GLN B 16 18.54 7.13 18.90
CA GLN B 16 17.51 7.27 19.93
C GLN B 16 16.74 5.96 20.07
N THR B 17 15.84 5.92 21.05
CA THR B 17 15.10 4.69 21.35
C THR B 17 13.70 4.70 20.77
N ALA B 18 13.38 3.69 19.98
CA ALA B 18 12.03 3.57 19.42
C ALA B 18 11.15 2.68 20.27
N ARG B 19 9.95 3.17 20.56
CA ARG B 19 8.93 2.40 21.26
C ARG B 19 7.65 2.31 20.44
N ILE B 20 7.25 1.08 20.18
CA ILE B 20 6.07 0.81 19.37
C ILE B 20 5.08 0.02 20.22
N THR B 21 3.91 0.61 20.43
CA THR B 21 2.91 -0.02 21.29
C THR B 21 1.88 -0.85 20.54
N CYS B 22 1.34 -1.81 21.28
CA CYS B 22 0.31 -2.72 20.80
C CYS B 22 -0.71 -2.88 21.91
N GLY B 23 -1.85 -2.19 21.80
CA GLY B 23 -2.86 -2.21 22.84
C GLY B 23 -3.94 -3.24 22.60
N GLY B 24 -4.35 -3.90 23.67
CA GLY B 24 -5.37 -4.93 23.60
C GLY B 24 -5.89 -5.22 24.99
N ASN B 25 -7.20 -5.37 25.13
CA ASN B 25 -7.75 -5.62 26.45
C ASN B 25 -7.28 -6.98 26.97
N ASP B 26 -6.62 -6.96 28.12
CA ASP B 26 -6.03 -8.16 28.73
C ASP B 26 -5.03 -8.85 27.80
N ILE B 27 -4.26 -8.06 27.05
CA ILE B 27 -3.21 -8.59 26.18
C ILE B 27 -2.06 -9.13 27.02
N GLY B 28 -1.93 -8.64 28.26
CA GLY B 28 -0.91 -9.11 29.18
C GLY B 28 -1.01 -10.59 29.47
N ARG B 29 -2.21 -11.16 29.31
CA ARG B 29 -2.44 -12.58 29.54
C ARG B 29 -1.98 -13.44 28.38
N LYS B 30 -1.88 -12.84 27.19
CA LYS B 30 -1.50 -13.59 26.00
C LYS B 30 0.00 -13.48 25.81
N SER B 31 0.54 -14.31 24.93
CA SER B 31 1.94 -14.21 24.58
C SER B 31 2.00 -13.44 23.28
N VAL B 32 2.86 -12.43 23.24
CA VAL B 32 2.89 -11.59 22.06
C VAL B 32 4.14 -11.86 21.22
N HIS B 33 3.95 -11.99 19.91
CA HIS B 33 5.05 -12.13 18.97
C HIS B 33 5.08 -10.87 18.10
N TRP B 34 6.27 -10.46 17.67
CA TRP B 34 6.43 -9.27 16.83
C TRP B 34 7.13 -9.57 15.50
N ASN B 35 6.59 -9.03 14.40
CA ASN B 35 7.21 -9.13 13.09
C ASN B 35 7.81 -7.81 12.64
N GLN B 36 8.90 -7.92 11.90
CA GLN B 36 9.50 -6.78 11.22
C GLN B 36 9.36 -7.05 9.73
N GLN B 37 8.81 -6.11 8.99
CA GLN B 37 8.70 -6.29 7.55
C GLN B 37 9.46 -5.16 6.87
N LYS B 38 10.73 -5.42 6.55
CA LYS B 38 11.57 -4.39 5.90
C LYS B 38 11.03 -4.16 4.48
N PRO B 39 11.29 -2.97 3.91
CA PRO B 39 10.67 -2.62 2.63
C PRO B 39 10.89 -3.67 1.53
N GLY B 40 9.80 -4.19 0.98
CA GLY B 40 9.85 -5.23 -0.05
C GLY B 40 10.37 -6.61 0.35
N GLN B 41 10.63 -6.83 1.64
CA GLN B 41 11.08 -8.16 2.10
C GLN B 41 9.98 -8.88 2.86
N ALA B 42 10.07 -10.22 2.96
CA ALA B 42 9.05 -10.94 3.71
C ALA B 42 9.19 -10.65 5.20
N PRO B 43 8.08 -10.73 5.95
CA PRO B 43 8.09 -10.55 7.41
C PRO B 43 9.07 -11.50 8.08
N VAL B 44 9.75 -11.03 9.12
CA VAL B 44 10.60 -11.87 9.93
C VAL B 44 10.22 -11.65 11.37
N LEU B 45 10.48 -12.67 12.18
CA LEU B 45 10.23 -12.59 13.60
C LEU B 45 11.35 -11.81 14.29
N VAL B 46 11.03 -10.80 15.09
CA VAL B 46 12.06 -10.09 15.86
C VAL B 46 11.90 -10.27 17.37
N VAL B 47 10.69 -10.49 17.84
CA VAL B 47 10.48 -10.79 19.26
C VAL B 47 9.41 -11.88 19.38
N CYS B 48 9.66 -12.86 20.25
CA CYS B 48 8.67 -13.92 20.49
C CYS B 48 8.40 -14.06 21.97
N TYR B 49 7.19 -14.51 22.28
CA TYR B 49 6.75 -14.71 23.66
CA TYR B 49 6.71 -14.67 23.66
C TYR B 49 7.08 -13.47 24.52
N ASP B 50 6.53 -12.32 24.14
CA ASP B 50 6.65 -11.03 24.83
C ASP B 50 8.03 -10.40 24.77
N SER B 51 9.06 -11.17 25.13
CA SER B 51 10.37 -10.58 25.39
C SER B 51 11.61 -11.38 24.96
N ASP B 52 11.40 -12.50 24.26
CA ASP B 52 12.52 -13.30 23.76
C ASP B 52 12.95 -12.82 22.37
N ARG B 53 14.23 -13.02 22.07
CA ARG B 53 14.80 -12.72 20.75
C ARG B 53 15.16 -14.00 20.02
N PRO B 54 14.65 -14.18 18.81
CA PRO B 54 15.21 -15.29 18.00
C PRO B 54 16.68 -15.05 17.67
N SER B 55 17.43 -16.11 17.38
CA SER B 55 18.83 -15.95 16.98
C SER B 55 18.97 -15.06 15.74
N GLY B 56 20.05 -14.30 15.68
CA GLY B 56 20.30 -13.44 14.55
C GLY B 56 19.78 -12.03 14.76
N ILE B 57 18.78 -11.90 15.63
CA ILE B 57 18.20 -10.59 15.90
C ILE B 57 19.04 -9.81 16.91
N PRO B 58 19.38 -8.56 16.57
CA PRO B 58 20.20 -7.67 17.41
C PRO B 58 19.66 -7.52 18.84
N GLU B 59 20.57 -7.50 19.81
CA GLU B 59 20.20 -7.34 21.21
C GLU B 59 19.44 -6.01 21.49
N ARG B 60 19.56 -5.05 20.57
CA ARG B 60 18.86 -3.77 20.67
C ARG B 60 17.34 -3.93 20.66
N PHE B 61 16.88 -5.07 20.16
CA PHE B 61 15.45 -5.37 20.10
C PHE B 61 14.94 -6.04 21.35
N SER B 62 14.01 -5.37 22.00
CA SER B 62 13.50 -5.83 23.28
C SER B 62 12.00 -5.72 23.30
N GLY B 63 11.35 -6.63 24.00
CA GLY B 63 9.91 -6.61 24.11
C GLY B 63 9.44 -6.63 25.54
N SER B 64 8.25 -6.07 25.76
CA SER B 64 7.63 -6.03 27.06
C SER B 64 6.11 -6.24 26.89
N ASN B 65 5.46 -6.82 27.90
CA ASN B 65 4.02 -7.04 27.86
C ASN B 65 3.43 -7.04 29.27
N SER B 66 2.55 -6.08 29.53
CA SER B 66 1.90 -6.00 30.82
C SER B 66 0.54 -5.33 30.68
N GLY B 67 -0.43 -5.81 31.45
CA GLY B 67 -1.76 -5.22 31.48
C GLY B 67 -2.47 -5.18 30.14
N ASN B 68 -2.54 -3.99 29.55
CA ASN B 68 -3.29 -3.78 28.31
C ASN B 68 -2.40 -3.35 27.15
N THR B 69 -1.09 -3.36 27.36
CA THR B 69 -0.15 -2.88 26.36
C THR B 69 1.10 -3.74 26.25
N ALA B 70 1.38 -4.20 25.04
CA ALA B 70 2.66 -4.81 24.70
C ALA B 70 3.49 -3.76 23.98
N THR B 71 4.79 -3.76 24.20
CA THR B 71 5.65 -2.75 23.61
C THR B 71 6.91 -3.35 23.04
N LEU B 72 7.22 -2.97 21.82
CA LEU B 72 8.48 -3.33 21.20
C LEU B 72 9.44 -2.16 21.37
N THR B 73 10.62 -2.41 21.93
CA THR B 73 11.58 -1.34 22.12
C THR B 73 12.83 -1.61 21.30
N ILE B 74 13.28 -0.59 20.56
CA ILE B 74 14.49 -0.70 19.79
C ILE B 74 15.48 0.37 20.26
N SER B 75 16.52 -0.05 20.97
CA SER B 75 17.53 0.90 21.44
C SER B 75 18.50 1.25 20.33
N ARG B 76 19.14 2.41 20.45
CA ARG B 76 20.18 2.87 19.51
C ARG B 76 19.77 2.57 18.08
N VAL B 77 18.63 3.09 17.67
CA VAL B 77 18.06 2.77 16.37
CA VAL B 77 18.09 2.73 16.36
C VAL B 77 19.03 3.12 15.23
N GLU B 78 19.13 2.25 14.23
CA GLU B 78 19.91 2.60 13.06
C GLU B 78 19.03 2.53 11.82
N ALA B 79 19.50 3.18 10.74
CA ALA B 79 18.73 3.30 9.51
C ALA B 79 18.22 1.95 9.01
N GLY B 80 19.01 0.90 9.18
CA GLY B 80 18.63 -0.43 8.76
C GLY B 80 17.43 -1.00 9.51
N ASP B 81 17.03 -0.34 10.58
CA ASP B 81 15.85 -0.74 11.34
C ASP B 81 14.53 -0.25 10.73
N GLU B 82 14.60 0.58 9.68
CA GLU B 82 13.38 1.08 9.06
C GLU B 82 12.58 -0.05 8.46
N ALA B 83 11.29 -0.10 8.81
CA ALA B 83 10.44 -1.25 8.52
C ALA B 83 9.04 -1.00 9.06
N ASP B 84 8.09 -1.84 8.67
CA ASP B 84 6.78 -1.88 9.31
C ASP B 84 6.81 -2.97 10.39
N TYR B 85 6.34 -2.65 11.60
CA TYR B 85 6.34 -3.63 12.69
C TYR B 85 4.90 -4.03 13.07
N TYR B 86 4.67 -5.31 13.28
CA TYR B 86 3.33 -5.82 13.64
C TYR B 86 3.40 -6.69 14.88
N CYS B 87 2.48 -6.46 15.80
CA CYS B 87 2.25 -7.42 16.87
C CYS B 87 1.18 -8.43 16.45
N GLN B 88 1.20 -9.58 17.09
CA GLN B 88 0.16 -10.56 16.82
C GLN B 88 -0.09 -11.40 18.06
N VAL B 89 -1.33 -11.82 18.24
CA VAL B 89 -1.71 -12.68 19.34
C VAL B 89 -2.71 -13.68 18.79
N TRP B 90 -2.98 -14.69 19.58
CA TRP B 90 -4.01 -15.67 19.28
C TRP B 90 -5.12 -15.48 20.32
N ASP B 91 -6.35 -15.36 19.83
CA ASP B 91 -7.50 -15.21 20.73
C ASP B 91 -8.19 -16.54 20.90
N SER B 92 -8.03 -17.15 22.07
CA SER B 92 -8.59 -18.48 22.30
C SER B 92 -10.15 -18.49 22.22
N SER B 93 -10.79 -17.37 22.54
CA SER B 93 -12.25 -17.38 22.58
C SER B 93 -12.86 -17.53 21.18
N SER B 94 -12.16 -17.06 20.15
CA SER B 94 -12.65 -17.16 18.77
C SER B 94 -11.76 -18.05 17.89
N ASP B 95 -10.69 -18.59 18.46
CA ASP B 95 -9.69 -19.36 17.71
C ASP B 95 -9.12 -18.54 16.53
N HIS B 96 -8.93 -17.25 16.72
CA HIS B 96 -8.38 -16.43 15.64
C HIS B 96 -6.98 -15.93 15.95
N VAL B 97 -6.13 -15.90 14.94
CA VAL B 97 -4.89 -15.10 15.03
C VAL B 97 -5.21 -13.65 14.64
N ILE B 98 -4.71 -12.71 15.44
CA ILE B 98 -4.99 -11.29 15.21
C ILE B 98 -3.69 -10.51 15.09
N PHE B 99 -3.54 -9.77 14.00
CA PHE B 99 -2.42 -8.84 13.81
C PHE B 99 -2.86 -7.43 14.18
N GLY B 100 -1.98 -6.66 14.82
CA GLY B 100 -2.18 -5.22 14.93
C GLY B 100 -2.17 -4.59 13.54
N GLY B 101 -2.52 -3.32 13.45
CA GLY B 101 -2.59 -2.64 12.16
C GLY B 101 -1.23 -2.31 11.55
N GLY B 102 -0.18 -2.50 12.32
CA GLY B 102 1.17 -2.18 11.87
C GLY B 102 1.63 -0.76 12.18
N THR B 103 2.93 -0.63 12.38
CA THR B 103 3.56 0.66 12.60
C THR B 103 4.69 0.87 11.63
N LYS B 104 4.61 1.94 10.85
CA LYS B 104 5.75 2.33 10.02
C LYS B 104 6.81 3.07 10.86
N LEU B 105 8.01 2.52 10.94
CA LEU B 105 9.07 3.17 11.68
C LEU B 105 9.98 3.88 10.68
N THR B 106 10.06 5.19 10.81
CA THR B 106 11.02 5.97 10.05
C THR B 106 12.18 6.33 10.94
N VAL B 107 13.41 6.07 10.48
CA VAL B 107 14.61 6.57 11.14
C VAL B 107 15.04 7.83 10.43
N LEU B 108 14.88 8.97 11.10
CA LEU B 108 14.98 10.27 10.46
C LEU B 108 16.36 10.58 9.93
N GLY B 109 16.48 10.71 8.61
CA GLY B 109 17.78 10.95 8.01
C GLY B 109 17.89 12.39 7.56
N GLN B 110 16.81 13.14 7.73
CA GLN B 110 16.74 14.53 7.33
C GLN B 110 15.60 15.18 8.11
N PRO B 111 15.54 16.54 8.14
CA PRO B 111 14.41 17.14 8.85
C PRO B 111 13.08 16.87 8.18
N LYS B 112 12.00 16.99 8.94
CA LYS B 112 10.67 16.75 8.39
C LYS B 112 10.33 17.81 7.35
N ALA B 113 9.60 17.39 6.30
CA ALA B 113 9.26 18.24 5.18
C ALA B 113 7.78 18.09 4.84
N ALA B 114 7.09 19.21 4.73
CA ALA B 114 5.64 19.24 4.55
C ALA B 114 5.26 19.16 3.08
N PRO B 115 4.12 18.50 2.78
CA PRO B 115 3.80 18.26 1.38
C PRO B 115 3.27 19.48 0.63
N SER B 116 3.56 19.52 -0.67
CA SER B 116 2.94 20.45 -1.59
C SER B 116 1.81 19.69 -2.27
N VAL B 117 0.67 20.34 -2.47
CA VAL B 117 -0.48 19.67 -3.04
C VAL B 117 -0.98 20.41 -4.29
N THR B 118 -1.15 19.68 -5.39
CA THR B 118 -1.68 20.28 -6.63
C THR B 118 -2.95 19.52 -7.01
N LEU B 119 -4.06 20.23 -7.26
CA LEU B 119 -5.33 19.56 -7.57
C LEU B 119 -5.87 20.00 -8.92
N PHE B 120 -6.07 19.03 -9.83
CA PHE B 120 -6.65 19.32 -11.14
C PHE B 120 -8.08 18.82 -11.23
N PRO B 121 -8.98 19.63 -11.81
CA PRO B 121 -10.36 19.21 -12.07
C PRO B 121 -10.37 18.34 -13.34
N PRO B 122 -11.50 17.67 -13.61
CA PRO B 122 -11.62 16.94 -14.89
C PRO B 122 -11.50 17.88 -16.09
N SER B 123 -10.87 17.36 -17.14
CA SER B 123 -10.72 18.10 -18.38
C SER B 123 -12.04 18.07 -19.10
N SER B 124 -12.30 19.09 -19.92
CA SER B 124 -13.51 19.07 -20.71
C SER B 124 -13.49 17.89 -21.68
N GLU B 125 -12.30 17.45 -22.10
CA GLU B 125 -12.21 16.29 -22.99
C GLU B 125 -12.69 15.01 -22.31
N GLU B 126 -12.28 14.81 -21.05
CA GLU B 126 -12.70 13.61 -20.34
C GLU B 126 -14.20 13.62 -20.13
N LEU B 127 -14.75 14.77 -19.71
CA LEU B 127 -16.19 14.90 -19.51
C LEU B 127 -16.96 14.52 -20.78
N GLN B 128 -16.38 14.84 -21.94
CA GLN B 128 -17.02 14.49 -23.20
C GLN B 128 -17.00 12.99 -23.43
N ALA B 129 -16.00 12.31 -22.88
CA ALA B 129 -15.95 10.85 -22.91
C ALA B 129 -16.76 10.21 -21.77
N ASN B 130 -17.70 10.98 -21.21
CA ASN B 130 -18.56 10.57 -20.10
C ASN B 130 -17.82 10.03 -18.87
N LYS B 131 -16.69 10.63 -18.55
CA LYS B 131 -15.94 10.27 -17.35
C LYS B 131 -15.49 11.54 -16.65
N ALA B 132 -15.14 11.44 -15.37
CA ALA B 132 -14.61 12.58 -14.65
C ALA B 132 -13.62 12.10 -13.61
N THR B 133 -12.39 12.59 -13.68
CA THR B 133 -11.37 12.25 -12.70
C THR B 133 -10.71 13.50 -12.12
N LEU B 134 -10.69 13.59 -10.79
CA LEU B 134 -9.99 14.64 -10.09
C LEU B 134 -8.61 14.09 -9.75
N VAL B 135 -7.57 14.90 -9.97
CA VAL B 135 -6.18 14.47 -9.82
C VAL B 135 -5.49 15.27 -8.73
N CYS B 136 -5.04 14.60 -7.67
CA CYS B 136 -4.43 15.30 -6.54
C CYS B 136 -2.99 14.81 -6.43
N LEU B 137 -2.05 15.72 -6.70
CA LEU B 137 -0.63 15.35 -6.74
C LEU B 137 0.10 15.87 -5.51
N ILE B 138 0.84 15.00 -4.84
CA ILE B 138 1.39 15.33 -3.51
C ILE B 138 2.89 15.14 -3.57
N SER B 139 3.67 16.15 -3.20
CA SER B 139 5.10 16.01 -3.38
C SER B 139 5.89 16.64 -2.26
N ASP B 140 7.18 16.30 -2.24
CA ASP B 140 8.18 16.88 -1.32
C ASP B 140 7.89 16.69 0.16
N PHE B 141 7.42 15.53 0.56
CA PHE B 141 7.19 15.33 1.99
C PHE B 141 8.11 14.26 2.58
N TYR B 142 8.33 14.37 3.88
CA TYR B 142 9.16 13.45 4.65
C TYR B 142 8.76 13.58 6.13
N PRO B 143 8.54 12.46 6.84
CA PRO B 143 8.58 11.06 6.43
C PRO B 143 7.59 10.71 5.32
N GLY B 144 7.81 9.57 4.68
CA GLY B 144 6.99 9.17 3.56
C GLY B 144 5.74 8.44 4.00
N ALA B 145 4.89 9.14 4.72
CA ALA B 145 3.58 8.64 5.10
C ALA B 145 2.57 9.78 5.04
N VAL B 146 1.48 9.54 4.33
CA VAL B 146 0.45 10.54 4.15
CA VAL B 146 0.45 10.56 4.15
C VAL B 146 -0.92 9.85 4.16
N THR B 147 -1.97 10.55 4.57
CA THR B 147 -3.33 10.05 4.36
C THR B 147 -4.11 11.08 3.54
N VAL B 148 -4.99 10.59 2.67
CA VAL B 148 -5.73 11.48 1.78
C VAL B 148 -7.22 11.27 2.01
N ALA B 149 -7.95 12.36 2.19
CA ALA B 149 -9.41 12.31 2.31
C ALA B 149 -10.03 13.22 1.28
N TRP B 150 -11.09 12.75 0.65
CA TRP B 150 -11.82 13.58 -0.32
C TRP B 150 -13.19 14.01 0.21
N LYS B 151 -13.66 15.19 -0.21
CA LYS B 151 -14.98 15.67 0.16
C LYS B 151 -15.79 16.10 -1.06
N ALA B 152 -17.10 15.87 -1.02
CA ALA B 152 -18.03 16.48 -1.97
C ALA B 152 -18.87 17.50 -1.21
N ASP B 153 -18.75 18.77 -1.59
CA ASP B 153 -19.15 19.88 -0.74
C ASP B 153 -18.51 19.68 0.64
N SER B 154 -19.29 19.48 1.69
CA SER B 154 -18.69 19.29 3.01
CA SER B 154 -18.74 19.29 3.04
C SER B 154 -18.73 17.82 3.47
N SER B 155 -19.19 16.93 2.60
CA SER B 155 -19.36 15.52 2.95
C SER B 155 -18.24 14.63 2.44
N PRO B 156 -17.74 13.74 3.31
CA PRO B 156 -16.69 12.80 2.91
C PRO B 156 -17.14 11.89 1.77
N VAL B 157 -16.24 11.64 0.85
CA VAL B 157 -16.45 10.71 -0.26
CA VAL B 157 -16.50 10.66 -0.20
C VAL B 157 -15.43 9.59 -0.18
N LYS B 158 -15.89 8.35 -0.09
CA LYS B 158 -14.96 7.23 -0.02
C LYS B 158 -14.95 6.38 -1.29
N ALA B 159 -16.08 6.32 -2.00
CA ALA B 159 -16.14 5.58 -3.26
C ALA B 159 -15.32 6.25 -4.36
N GLY B 160 -14.68 5.44 -5.21
CA GLY B 160 -14.02 5.98 -6.38
C GLY B 160 -12.66 6.60 -6.08
N VAL B 161 -12.16 6.38 -4.88
CA VAL B 161 -10.88 6.92 -4.50
C VAL B 161 -9.75 5.89 -4.74
N GLU B 162 -8.66 6.34 -5.37
CA GLU B 162 -7.49 5.51 -5.63
C GLU B 162 -6.24 6.30 -5.25
N THR B 163 -5.41 5.76 -4.35
CA THR B 163 -4.27 6.50 -3.83
C THR B 163 -3.00 5.62 -3.86
N THR B 164 -1.87 6.18 -4.30
CA THR B 164 -0.62 5.42 -4.37
C THR B 164 0.10 5.38 -3.04
N THR B 165 0.93 4.37 -2.87
CA THR B 165 1.97 4.43 -1.83
C THR B 165 3.03 5.49 -2.22
N PRO B 166 3.70 6.12 -1.24
CA PRO B 166 4.72 7.11 -1.58
C PRO B 166 5.96 6.53 -2.29
N SER B 167 6.61 7.36 -3.10
CA SER B 167 7.80 6.96 -3.86
C SER B 167 8.86 8.03 -3.69
N LYS B 168 10.11 7.63 -3.48
CA LYS B 168 11.16 8.60 -3.20
C LYS B 168 11.65 9.31 -4.47
N GLN B 169 11.60 10.65 -4.44
CA GLN B 169 12.07 11.52 -5.53
C GLN B 169 13.60 11.68 -5.53
N SER B 170 14.13 12.28 -6.58
CA SER B 170 15.58 12.50 -6.66
C SER B 170 16.09 13.45 -5.55
N ASN B 171 15.20 14.24 -4.96
CA ASN B 171 15.60 15.08 -3.84
C ASN B 171 15.46 14.38 -2.49
N ASN B 172 15.20 13.07 -2.53
CA ASN B 172 15.13 12.23 -1.34
C ASN B 172 13.95 12.54 -0.44
N LYS B 173 12.99 13.27 -0.99
CA LYS B 173 11.69 13.42 -0.35
C LYS B 173 10.71 12.56 -1.12
N TYR B 174 9.46 12.48 -0.65
CA TYR B 174 8.49 11.55 -1.20
C TYR B 174 7.39 12.23 -2.00
N ALA B 175 6.83 11.47 -2.95
CA ALA B 175 5.67 11.91 -3.75
C ALA B 175 4.62 10.82 -3.74
N ALA B 176 3.35 11.21 -3.83
CA ALA B 176 2.25 10.26 -4.01
C ALA B 176 1.16 10.92 -4.82
N SER B 177 0.17 10.14 -5.23
CA SER B 177 -0.96 10.77 -5.94
C SER B 177 -2.26 10.11 -5.54
N SER B 178 -3.35 10.85 -5.67
CA SER B 178 -4.66 10.31 -5.36
C SER B 178 -5.64 10.75 -6.40
N TYR B 179 -6.54 9.85 -6.78
CA TYR B 179 -7.49 10.10 -7.84
C TYR B 179 -8.91 9.88 -7.35
N LEU B 180 -9.83 10.79 -7.69
CA LEU B 180 -11.25 10.56 -7.42
C LEU B 180 -12.03 10.43 -8.73
N SER B 181 -12.69 9.30 -8.91
CA SER B 181 -13.53 9.08 -10.10
C SER B 181 -14.96 9.44 -9.80
N LEU B 182 -15.57 10.18 -10.72
CA LEU B 182 -16.98 10.58 -10.64
C LEU B 182 -17.67 10.47 -11.99
N THR B 183 -19.00 10.48 -11.98
CA THR B 183 -19.73 10.70 -13.22
C THR B 183 -19.73 12.19 -13.49
N PRO B 184 -19.84 12.59 -14.78
CA PRO B 184 -19.99 14.02 -15.07
C PRO B 184 -21.16 14.63 -14.30
N GLU B 185 -22.24 13.87 -14.14
CA GLU B 185 -23.43 14.36 -13.45
C GLU B 185 -23.11 14.67 -11.98
N GLN B 186 -22.35 13.79 -11.33
CA GLN B 186 -21.88 14.04 -9.96
C GLN B 186 -21.03 15.31 -9.85
N TRP B 187 -20.04 15.40 -10.73
CA TRP B 187 -19.15 16.54 -10.80
C TRP B 187 -19.93 17.83 -10.97
N LYS B 188 -20.94 17.82 -11.85
CA LYS B 188 -21.68 19.04 -12.15
C LYS B 188 -22.71 19.43 -11.08
N SER B 189 -23.19 18.46 -10.31
CA SER B 189 -24.28 18.72 -9.36
C SER B 189 -23.83 19.09 -7.93
N HIS B 190 -22.53 19.14 -7.67
CA HIS B 190 -22.03 19.65 -6.41
C HIS B 190 -21.41 21.03 -6.59
N ARG B 191 -21.28 21.80 -5.52
CA ARG B 191 -20.66 23.12 -5.65
C ARG B 191 -19.14 23.03 -5.74
N SER B 192 -18.57 22.04 -5.05
CA SER B 192 -17.13 21.81 -5.09
C SER B 192 -16.75 20.43 -4.60
N TYR B 193 -15.50 20.05 -4.91
CA TYR B 193 -14.87 18.86 -4.34
C TYR B 193 -13.49 19.22 -3.75
N SER B 194 -13.08 18.53 -2.70
CA SER B 194 -11.81 18.83 -2.03
C SER B 194 -10.92 17.62 -1.88
N CYS B 195 -9.61 17.84 -2.01
CA CYS B 195 -8.60 16.84 -1.69
C CYS B 195 -7.88 17.29 -0.42
N GLN B 196 -7.99 16.50 0.64
CA GLN B 196 -7.38 16.87 1.91
C GLN B 196 -6.19 15.94 2.21
N VAL B 197 -5.01 16.51 2.38
CA VAL B 197 -3.79 15.70 2.59
C VAL B 197 -3.31 15.89 4.03
N THR B 198 -3.20 14.80 4.79
CA THR B 198 -2.70 14.88 6.17
C THR B 198 -1.28 14.29 6.26
N HIS B 199 -0.37 15.02 6.91
CA HIS B 199 1.02 14.64 7.06
C HIS B 199 1.48 15.12 8.42
N GLU B 200 1.83 14.19 9.29
CA GLU B 200 2.38 14.55 10.60
C GLU B 200 1.42 15.48 11.34
N GLY B 201 0.14 15.15 11.28
CA GLY B 201 -0.89 15.86 12.01
C GLY B 201 -1.29 17.23 11.47
N SER B 202 -0.68 17.65 10.37
CA SER B 202 -1.07 18.91 9.70
C SER B 202 -1.73 18.57 8.38
N THR B 203 -2.61 19.46 7.92
CA THR B 203 -3.46 19.19 6.78
CA THR B 203 -3.35 19.15 6.72
C THR B 203 -3.34 20.29 5.71
N VAL B 204 -3.29 19.91 4.44
CA VAL B 204 -3.37 20.82 3.30
C VAL B 204 -4.58 20.41 2.48
N GLU B 205 -5.51 21.33 2.26
CA GLU B 205 -6.68 21.02 1.46
C GLU B 205 -6.86 21.94 0.25
N LYS B 206 -7.01 21.33 -0.93
CA LYS B 206 -7.24 22.09 -2.16
C LYS B 206 -8.64 21.79 -2.66
N THR B 207 -9.31 22.79 -3.25
CA THR B 207 -10.71 22.63 -3.66
C THR B 207 -10.91 23.11 -5.09
N VAL B 208 -11.73 22.39 -5.85
CA VAL B 208 -12.07 22.76 -7.24
C VAL B 208 -13.57 22.72 -7.43
N ALA B 209 -14.06 23.51 -8.39
CA ALA B 209 -15.50 23.65 -8.61
C ALA B 209 -15.79 23.50 -10.08
N PRO B 210 -16.94 22.88 -10.41
CA PRO B 210 -17.27 22.68 -11.82
C PRO B 210 -17.38 23.99 -12.60
N THR B 211 -17.76 25.07 -11.91
CA THR B 211 -17.81 26.37 -12.53
C THR B 211 -16.41 26.80 -12.96
#